data_7ALU
#
_entry.id   7ALU
#
loop_
_entity.id
_entity.type
_entity.pdbx_description
1 polymer "DNA (5'-D(*AP*GP*GP*GP*AP*GP*GP*TP*GP*TP*GP*GP*CP*CP*TP*GP*GP*GP*CP*GP*GP*G)-3')"
2 non-polymer 'POTASSIUM ION'
#
_entity_poly.entity_id   1
_entity_poly.type   'polydeoxyribonucleotide'
_entity_poly.pdbx_seq_one_letter_code
;(DA)(DG)(DG)(DG)(DA)(DG)(DG)(DT)(DG)(DT)(DG)(DG)(DC)(DC)(DT)(DG)(DG)(DG)(DC)(DG)
(DG)(DG)
;
_entity_poly.pdbx_strand_id   A
#